data_6AA1
#
_entry.id   6AA1
#
_cell.length_a   46.070
_cell.length_b   86.960
_cell.length_c   121.800
_cell.angle_alpha   90.00
_cell.angle_beta   90.00
_cell.angle_gamma   90.00
#
_symmetry.space_group_name_H-M   'P 21 21 21'
#
loop_
_entity.id
_entity.type
_entity.pdbx_description
1 polymer 'Putative amino acid-binding periplasmic ABC transporter protein'
2 non-polymer GLYCEROL
3 non-polymer 1,2-ETHANEDIOL
4 non-polymer 'CITRIC ACID'
5 non-polymer DI(HYDROXYETHYL)ETHER
6 water water
#
_entity_poly.entity_id   1
_entity_poly.type   'polypeptide(L)'
_entity_poly.pdbx_seq_one_letter_code
;MFRTEDQSALRVGTDGIYPPHSFHAQDGRGELTGFDIDLIKEVAHRLNLKVEFFETAVSGLITGLDTNRYDVLVNVAITP
ERQKKYDFSIPYIAHRVLLVVRSDQQDIRSFKDLTDKTVAQILGTDLSRFAKELKSHLVFSHNFEQSLQLLLSKRTDATM
IPDIPFFNFLERRPHDGNLFKIADRMKDNSAVAFMMRKGNNKLTRSINEILCAIHLDGTYKKIFDRYFDKNIISSVPGCS
S
;
_entity_poly.pdbx_strand_id   A,B
#
# COMPACT_ATOMS: atom_id res chain seq x y z
N SER A 8 16.16 -21.64 -12.15
CA SER A 8 16.42 -20.33 -12.81
C SER A 8 15.24 -19.72 -13.63
N ALA A 9 14.02 -20.28 -13.51
CA ALA A 9 12.83 -19.68 -14.16
C ALA A 9 11.79 -19.21 -13.14
N LEU A 10 11.22 -18.05 -13.32
CA LEU A 10 10.04 -17.71 -12.47
C LEU A 10 8.76 -18.08 -13.25
N ARG A 11 7.93 -18.95 -12.70
CA ARG A 11 6.75 -19.46 -13.44
C ARG A 11 5.50 -18.70 -12.93
N VAL A 12 4.80 -18.08 -13.85
CA VAL A 12 3.70 -17.20 -13.57
C VAL A 12 2.42 -17.67 -14.22
N GLY A 13 1.35 -17.79 -13.45
CA GLY A 13 0.05 -18.18 -14.02
C GLY A 13 -0.83 -16.92 -14.16
N THR A 14 -1.58 -16.82 -15.27
CA THR A 14 -2.44 -15.70 -15.58
C THR A 14 -3.50 -16.21 -16.56
N ASP A 15 -4.52 -15.40 -16.85
CA ASP A 15 -5.48 -15.67 -17.96
C ASP A 15 -5.40 -14.47 -18.90
N GLY A 16 -4.91 -14.70 -20.10
CA GLY A 16 -4.63 -13.55 -21.00
C GLY A 16 -5.81 -12.97 -21.79
N ILE A 17 -6.99 -12.84 -21.14
CA ILE A 17 -8.19 -12.23 -21.75
C ILE A 17 -8.75 -11.12 -20.84
N TYR A 18 -7.85 -10.47 -20.13
CA TYR A 18 -8.13 -9.49 -19.16
C TYR A 18 -7.35 -8.16 -19.33
N PRO A 19 -7.55 -7.44 -20.44
CA PRO A 19 -6.90 -6.11 -20.55
C PRO A 19 -7.41 -5.18 -19.45
N PRO A 20 -6.62 -4.29 -18.95
CA PRO A 20 -5.27 -4.05 -19.34
C PRO A 20 -4.22 -4.83 -18.48
N HIS A 21 -4.67 -5.74 -17.62
CA HIS A 21 -3.77 -6.53 -16.80
C HIS A 21 -2.90 -7.51 -17.57
N SER A 22 -3.55 -8.29 -18.45
CA SER A 22 -2.99 -9.45 -19.05
C SER A 22 -3.82 -9.77 -20.31
N PHE A 23 -3.23 -9.54 -21.47
CA PHE A 23 -3.94 -9.73 -22.75
C PHE A 23 -2.93 -9.92 -23.83
N HIS A 24 -3.39 -10.40 -24.98
CA HIS A 24 -2.59 -10.62 -26.17
C HIS A 24 -2.74 -9.41 -27.11
N ALA A 25 -1.59 -8.92 -27.55
CA ALA A 25 -1.50 -7.76 -28.44
C ALA A 25 -2.22 -8.03 -29.78
N GLN A 26 -2.40 -7.01 -30.62
CA GLN A 26 -3.06 -7.16 -31.93
C GLN A 26 -4.47 -7.72 -31.86
N ASP A 27 -5.26 -7.12 -30.96
CA ASP A 27 -6.62 -7.58 -30.71
C ASP A 27 -6.70 -9.07 -30.43
N GLY A 28 -5.86 -9.57 -29.53
CA GLY A 28 -5.93 -10.95 -29.06
C GLY A 28 -5.12 -11.92 -29.90
N ARG A 29 -4.47 -11.45 -30.95
CA ARG A 29 -3.73 -12.36 -31.86
C ARG A 29 -2.22 -12.51 -31.61
N GLY A 30 -1.63 -11.63 -30.80
CA GLY A 30 -0.17 -11.58 -30.62
C GLY A 30 0.35 -11.97 -29.24
N GLU A 31 1.47 -11.39 -28.85
N GLU A 31 1.50 -11.43 -28.86
CA GLU A 31 2.16 -11.76 -27.62
CA GLU A 31 2.16 -11.78 -27.59
C GLU A 31 1.49 -11.21 -26.32
C GLU A 31 1.43 -11.26 -26.34
N LEU A 32 1.72 -11.89 -25.21
CA LEU A 32 1.09 -11.57 -23.95
C LEU A 32 1.67 -10.26 -23.48
N THR A 33 0.82 -9.36 -23.00
CA THR A 33 1.31 -8.07 -22.53
C THR A 33 0.30 -7.57 -21.46
N GLY A 34 0.50 -6.36 -20.94
CA GLY A 34 -0.33 -5.86 -19.83
C GLY A 34 0.50 -5.33 -18.68
N PHE A 35 -0.16 -4.62 -17.79
CA PHE A 35 0.50 -4.01 -16.64
C PHE A 35 1.14 -5.08 -15.75
N ASP A 36 0.36 -6.09 -15.36
CA ASP A 36 0.81 -7.07 -14.39
C ASP A 36 1.91 -7.93 -15.03
N ILE A 37 1.75 -8.21 -16.33
CA ILE A 37 2.73 -8.95 -17.13
C ILE A 37 4.09 -8.26 -17.24
N ASP A 38 4.05 -6.98 -17.64
CA ASP A 38 5.25 -6.16 -17.70
C ASP A 38 5.91 -6.05 -16.35
N LEU A 39 5.11 -5.88 -15.30
CA LEU A 39 5.68 -5.70 -13.98
C LEU A 39 6.37 -6.97 -13.51
N ILE A 40 5.71 -8.14 -13.61
CA ILE A 40 6.35 -9.34 -13.14
C ILE A 40 7.56 -9.76 -14.00
N LYS A 41 7.55 -9.39 -15.27
CA LYS A 41 8.70 -9.65 -16.14
C LYS A 41 9.89 -8.78 -15.74
N GLU A 42 9.62 -7.53 -15.41
CA GLU A 42 10.67 -6.63 -14.93
C GLU A 42 11.24 -7.16 -13.61
N VAL A 43 10.37 -7.63 -12.70
CA VAL A 43 10.83 -8.25 -11.43
C VAL A 43 11.79 -9.45 -11.65
N ALA A 44 11.39 -10.36 -12.53
CA ALA A 44 12.14 -11.54 -12.87
C ALA A 44 13.51 -11.17 -13.42
N HIS A 45 13.53 -10.28 -14.38
N HIS A 45 13.50 -10.26 -14.37
CA HIS A 45 14.80 -9.85 -14.98
CA HIS A 45 14.73 -9.80 -15.00
C HIS A 45 15.72 -9.27 -13.92
C HIS A 45 15.70 -9.20 -13.99
N ARG A 46 15.18 -8.44 -13.04
CA ARG A 46 15.99 -7.88 -11.97
C ARG A 46 16.47 -8.91 -11.00
N LEU A 47 15.75 -10.03 -10.89
CA LEU A 47 16.21 -11.16 -10.07
C LEU A 47 17.10 -12.12 -10.90
N ASN A 48 17.46 -11.75 -12.12
CA ASN A 48 18.24 -12.62 -12.98
C ASN A 48 17.57 -14.00 -13.22
N LEU A 49 16.24 -13.98 -13.36
CA LEU A 49 15.42 -15.13 -13.69
C LEU A 49 14.78 -14.90 -15.03
N LYS A 50 14.60 -15.96 -15.78
CA LYS A 50 13.77 -15.89 -16.95
C LYS A 50 12.34 -16.11 -16.48
N VAL A 51 11.38 -15.50 -17.15
CA VAL A 51 9.98 -15.64 -16.78
C VAL A 51 9.36 -16.67 -17.76
N GLU A 52 8.52 -17.56 -17.24
CA GLU A 52 7.69 -18.41 -18.06
C GLU A 52 6.21 -18.17 -17.68
N PHE A 53 5.36 -17.95 -18.65
CA PHE A 53 3.95 -17.76 -18.39
C PHE A 53 3.12 -18.97 -18.78
N PHE A 54 2.04 -19.16 -18.04
CA PHE A 54 1.08 -20.25 -18.26
C PHE A 54 -0.29 -19.63 -18.18
N GLU A 55 -1.17 -19.98 -19.11
CA GLU A 55 -2.47 -19.36 -19.24
C GLU A 55 -3.56 -20.36 -18.92
N THR A 56 -4.42 -19.98 -17.96
N THR A 56 -4.40 -19.99 -17.95
CA THR A 56 -5.40 -20.87 -17.47
CA THR A 56 -5.43 -20.89 -17.46
C THR A 56 -6.69 -20.07 -17.23
C THR A 56 -6.68 -20.11 -17.14
N ALA A 57 -7.83 -20.72 -17.43
CA ALA A 57 -9.10 -20.17 -17.07
C ALA A 57 -9.10 -19.73 -15.59
N VAL A 58 -9.80 -18.65 -15.30
CA VAL A 58 -9.67 -18.02 -13.98
C VAL A 58 -10.02 -19.02 -12.90
N SER A 59 -11.05 -19.81 -13.15
CA SER A 59 -11.53 -20.72 -12.12
C SER A 59 -10.52 -21.85 -11.83
N GLY A 60 -9.50 -22.03 -12.68
CA GLY A 60 -8.40 -22.96 -12.42
C GLY A 60 -7.07 -22.34 -12.01
N LEU A 61 -7.04 -21.01 -11.84
CA LEU A 61 -5.74 -20.37 -11.59
C LEU A 61 -5.13 -20.80 -10.24
N ILE A 62 -5.95 -20.81 -9.19
CA ILE A 62 -5.47 -21.17 -7.85
C ILE A 62 -5.01 -22.64 -7.79
N THR A 63 -5.71 -23.52 -8.50
N THR A 63 -5.70 -23.52 -8.51
CA THR A 63 -5.38 -24.92 -8.51
CA THR A 63 -5.34 -24.93 -8.41
C THR A 63 -3.96 -25.17 -9.01
C THR A 63 -3.97 -25.25 -9.06
N GLY A 64 -3.59 -24.54 -10.13
CA GLY A 64 -2.27 -24.66 -10.68
C GLY A 64 -1.16 -24.16 -9.74
N LEU A 65 -1.48 -23.19 -8.93
CA LEU A 65 -0.54 -22.70 -7.94
C LEU A 65 -0.41 -23.76 -6.86
N ASP A 66 -1.57 -24.25 -6.42
CA ASP A 66 -1.61 -25.29 -5.40
C ASP A 66 -0.83 -26.58 -5.78
N THR A 67 -0.84 -26.96 -7.06
CA THR A 67 -0.25 -28.20 -7.50
C THR A 67 1.08 -27.93 -8.16
N ASN A 68 1.66 -26.75 -7.94
CA ASN A 68 3.06 -26.52 -8.34
C ASN A 68 3.27 -26.59 -9.88
N ARG A 69 2.26 -26.14 -10.61
N ARG A 69 2.29 -26.19 -10.66
CA ARG A 69 2.37 -25.95 -12.05
CA ARG A 69 2.55 -26.02 -12.10
C ARG A 69 3.06 -24.62 -12.34
C ARG A 69 2.99 -24.57 -12.40
N TYR A 70 2.95 -23.69 -11.40
CA TYR A 70 3.63 -22.38 -11.48
C TYR A 70 3.74 -21.82 -10.06
N ASP A 71 4.51 -20.76 -9.92
CA ASP A 71 4.90 -20.18 -8.61
C ASP A 71 4.23 -18.88 -8.19
N VAL A 72 3.80 -18.09 -9.16
CA VAL A 72 3.27 -16.76 -8.92
C VAL A 72 1.96 -16.60 -9.67
N LEU A 73 0.95 -16.06 -8.99
CA LEU A 73 -0.26 -15.52 -9.62
C LEU A 73 -0.27 -13.98 -9.59
N VAL A 74 -0.69 -13.36 -10.68
CA VAL A 74 -0.73 -11.92 -10.73
C VAL A 74 -2.12 -11.41 -10.35
N ASN A 75 -2.18 -10.13 -10.03
CA ASN A 75 -3.41 -9.38 -9.90
C ASN A 75 -4.36 -10.06 -8.93
N VAL A 76 -3.89 -10.40 -7.74
CA VAL A 76 -4.75 -11.07 -6.78
C VAL A 76 -5.07 -10.13 -5.61
N ALA A 77 -6.34 -9.89 -5.38
CA ALA A 77 -6.76 -9.07 -4.25
C ALA A 77 -6.44 -9.80 -2.93
N ILE A 78 -5.89 -9.05 -1.98
CA ILE A 78 -5.56 -9.62 -0.70
C ILE A 78 -6.84 -9.72 0.11
N THR A 79 -7.03 -10.87 0.71
CA THR A 79 -8.16 -11.16 1.63
C THR A 79 -7.62 -11.96 2.83
N PRO A 80 -8.30 -11.88 3.97
CA PRO A 80 -7.82 -12.65 5.13
C PRO A 80 -7.73 -14.15 4.89
N GLU A 81 -8.69 -14.74 4.20
CA GLU A 81 -8.63 -16.16 3.93
C GLU A 81 -7.42 -16.50 3.07
N ARG A 82 -7.12 -15.67 2.08
CA ARG A 82 -5.95 -15.90 1.26
C ARG A 82 -4.66 -15.73 2.03
N GLN A 83 -4.63 -14.73 2.92
CA GLN A 83 -3.41 -14.48 3.69
C GLN A 83 -3.11 -15.66 4.60
N LYS A 84 -4.13 -16.36 5.07
CA LYS A 84 -3.95 -17.58 5.86
C LYS A 84 -3.30 -18.71 5.10
N LYS A 85 -3.62 -18.85 3.81
CA LYS A 85 -3.23 -20.03 3.06
C LYS A 85 -2.08 -19.80 2.07
N TYR A 86 -1.73 -18.55 1.81
CA TYR A 86 -0.78 -18.23 0.72
C TYR A 86 0.10 -17.12 1.24
N ASP A 87 1.20 -16.89 0.54
CA ASP A 87 2.04 -15.69 0.77
C ASP A 87 1.74 -14.61 -0.32
N PHE A 88 1.82 -13.35 0.06
CA PHE A 88 1.57 -12.22 -0.79
C PHE A 88 2.82 -11.36 -0.88
N SER A 89 3.08 -10.81 -2.04
CA SER A 89 4.00 -9.67 -2.11
C SER A 89 3.40 -8.48 -1.41
N ILE A 90 4.22 -7.48 -1.16
CA ILE A 90 3.72 -6.15 -0.89
C ILE A 90 2.75 -5.73 -2.02
N PRO A 91 1.69 -4.94 -1.72
CA PRO A 91 0.74 -4.56 -2.76
C PRO A 91 1.35 -3.71 -3.83
N TYR A 92 0.94 -3.92 -5.07
CA TYR A 92 1.53 -3.09 -6.19
C TYR A 92 0.54 -2.23 -6.98
N ILE A 93 -0.75 -2.37 -6.68
CA ILE A 93 -1.78 -1.54 -7.24
C ILE A 93 -3.01 -1.72 -6.36
N ALA A 94 -4.00 -0.88 -6.54
CA ALA A 94 -5.26 -1.06 -5.85
C ALA A 94 -6.42 -0.88 -6.81
N HIS A 95 -7.53 -1.61 -6.55
CA HIS A 95 -8.73 -1.41 -7.34
C HIS A 95 -9.94 -1.07 -6.45
N ARG A 96 -10.95 -0.50 -7.06
CA ARG A 96 -12.21 -0.20 -6.39
C ARG A 96 -13.34 -0.86 -7.15
N VAL A 97 -14.12 -1.62 -6.42
CA VAL A 97 -15.24 -2.28 -7.02
C VAL A 97 -16.44 -1.31 -7.31
N LEU A 98 -16.96 -1.41 -8.53
CA LEU A 98 -18.00 -0.54 -9.09
C LEU A 98 -19.23 -1.40 -9.34
N LEU A 99 -20.37 -0.83 -9.09
CA LEU A 99 -21.65 -1.46 -9.46
C LEU A 99 -22.09 -0.77 -10.77
N VAL A 100 -21.95 -1.51 -11.89
CA VAL A 100 -22.28 -1.08 -13.23
C VAL A 100 -23.59 -1.70 -13.74
N VAL A 101 -24.42 -0.79 -14.24
CA VAL A 101 -25.73 -1.06 -14.86
C VAL A 101 -25.88 -0.37 -16.20
N ARG A 102 -26.90 -0.73 -16.98
CA ARG A 102 -27.22 0.06 -18.20
C ARG A 102 -27.56 1.50 -17.78
N SER A 103 -27.14 2.44 -18.62
CA SER A 103 -27.40 3.85 -18.39
C SER A 103 -28.88 4.22 -18.11
N ASP A 104 -29.83 3.46 -18.61
CA ASP A 104 -31.24 3.78 -18.31
C ASP A 104 -31.87 2.95 -17.17
N GLN A 105 -31.07 2.16 -16.44
CA GLN A 105 -31.61 1.37 -15.36
C GLN A 105 -31.96 2.28 -14.19
N GLN A 106 -33.09 2.04 -13.54
CA GLN A 106 -33.54 2.92 -12.48
C GLN A 106 -33.76 2.24 -11.10
N ASP A 107 -33.78 0.91 -11.03
CA ASP A 107 -34.09 0.24 -9.76
C ASP A 107 -32.88 -0.29 -8.98
N ILE A 108 -31.67 0.12 -9.39
CA ILE A 108 -30.44 -0.34 -8.71
C ILE A 108 -29.66 0.87 -8.31
N ARG A 109 -29.67 1.16 -7.02
CA ARG A 109 -28.95 2.34 -6.47
C ARG A 109 -27.90 2.02 -5.42
N SER A 110 -27.83 0.77 -5.02
CA SER A 110 -26.86 0.32 -4.03
C SER A 110 -26.59 -1.17 -4.29
N PHE A 111 -25.52 -1.68 -3.67
CA PHE A 111 -25.23 -3.12 -3.64
C PHE A 111 -26.41 -3.89 -3.05
N LYS A 112 -27.06 -3.33 -2.03
CA LYS A 112 -28.24 -3.98 -1.43
C LYS A 112 -29.36 -4.26 -2.45
N ASP A 113 -29.55 -3.39 -3.43
CA ASP A 113 -30.61 -3.56 -4.44
C ASP A 113 -30.34 -4.72 -5.40
N LEU A 114 -29.16 -5.35 -5.30
CA LEU A 114 -28.85 -6.52 -6.17
C LEU A 114 -29.59 -7.79 -5.76
N THR A 115 -30.15 -7.80 -4.56
CA THR A 115 -30.94 -8.92 -4.14
C THR A 115 -32.08 -9.09 -5.18
N ASP A 116 -32.34 -10.34 -5.61
N ASP A 116 -32.33 -10.31 -5.66
CA ASP A 116 -33.37 -10.74 -6.65
CA ASP A 116 -33.44 -10.57 -6.59
C ASP A 116 -33.16 -10.22 -8.08
C ASP A 116 -33.27 -9.97 -7.99
N LYS A 117 -32.04 -9.56 -8.35
CA LYS A 117 -31.73 -9.11 -9.70
C LYS A 117 -30.76 -10.07 -10.35
N THR A 118 -30.72 -9.99 -11.66
N THR A 118 -30.68 -10.07 -11.67
CA THR A 118 -29.82 -10.79 -12.39
CA THR A 118 -29.77 -10.99 -12.35
C THR A 118 -28.50 -10.01 -12.53
C THR A 118 -28.40 -10.33 -12.63
N VAL A 119 -27.40 -10.76 -12.37
N VAL A 119 -27.32 -10.90 -12.10
CA VAL A 119 -26.02 -10.21 -12.19
CA VAL A 119 -26.00 -10.27 -12.27
C VAL A 119 -24.96 -11.10 -12.85
C VAL A 119 -25.09 -11.15 -13.07
N ALA A 120 -24.13 -10.50 -13.71
CA ALA A 120 -23.05 -11.21 -14.38
C ALA A 120 -21.78 -11.15 -13.54
N GLN A 121 -21.23 -12.32 -13.19
CA GLN A 121 -19.95 -12.39 -12.49
C GLN A 121 -19.11 -13.52 -13.03
N ILE A 122 -17.84 -13.48 -12.67
CA ILE A 122 -16.86 -14.44 -13.15
C ILE A 122 -16.84 -15.58 -12.18
N LEU A 123 -17.10 -16.80 -12.69
CA LEU A 123 -17.03 -18.01 -11.86
C LEU A 123 -15.64 -18.20 -11.25
N GLY A 124 -15.67 -18.49 -9.96
CA GLY A 124 -14.52 -18.69 -9.19
C GLY A 124 -14.00 -17.44 -8.52
N THR A 125 -14.74 -16.31 -8.51
CA THR A 125 -14.18 -15.07 -7.93
C THR A 125 -14.90 -14.78 -6.67
N ASP A 126 -14.32 -13.93 -5.84
CA ASP A 126 -14.97 -13.49 -4.65
C ASP A 126 -16.24 -12.64 -4.85
N LEU A 127 -16.25 -11.82 -5.89
CA LEU A 127 -17.42 -11.06 -6.29
C LEU A 127 -18.58 -11.95 -6.75
N SER A 128 -18.29 -13.09 -7.39
N SER A 128 -18.26 -13.07 -7.38
CA SER A 128 -19.37 -14.06 -7.68
CA SER A 128 -19.26 -14.10 -7.68
C SER A 128 -19.98 -14.61 -6.38
C SER A 128 -19.94 -14.59 -6.40
N ARG A 129 -19.14 -14.95 -5.41
CA ARG A 129 -19.65 -15.38 -4.10
C ARG A 129 -20.50 -14.29 -3.41
N PHE A 130 -20.07 -13.03 -3.45
CA PHE A 130 -20.84 -11.96 -2.85
C PHE A 130 -22.22 -11.82 -3.51
N ALA A 131 -22.24 -11.88 -4.82
CA ALA A 131 -23.48 -11.89 -5.57
C ALA A 131 -24.41 -13.03 -5.15
N LYS A 132 -23.87 -14.23 -5.04
CA LYS A 132 -24.66 -15.35 -4.50
C LYS A 132 -25.20 -15.03 -3.12
N GLU A 133 -24.37 -14.43 -2.25
CA GLU A 133 -24.78 -14.19 -0.85
C GLU A 133 -25.87 -13.12 -0.75
N LEU A 134 -25.87 -12.20 -1.73
CA LEU A 134 -26.92 -11.22 -1.87
C LEU A 134 -28.26 -11.77 -2.38
N LYS A 135 -28.30 -13.04 -2.82
CA LYS A 135 -29.49 -13.62 -3.40
C LYS A 135 -29.81 -12.99 -4.75
N SER A 136 -28.76 -12.62 -5.47
CA SER A 136 -28.83 -12.32 -6.88
C SER A 136 -28.98 -13.64 -7.65
N HIS A 137 -29.31 -13.52 -8.93
CA HIS A 137 -29.46 -14.60 -9.88
C HIS A 137 -28.28 -14.43 -10.80
N LEU A 138 -27.34 -15.38 -10.74
N LEU A 138 -27.33 -15.36 -10.73
CA LEU A 138 -26.06 -15.23 -11.45
CA LEU A 138 -26.10 -15.23 -11.51
C LEU A 138 -26.00 -15.83 -12.84
C LEU A 138 -26.17 -15.73 -12.92
N VAL A 139 -25.40 -15.09 -13.76
CA VAL A 139 -25.01 -15.64 -15.04
C VAL A 139 -23.50 -15.52 -15.05
N PHE A 140 -22.80 -16.61 -15.33
CA PHE A 140 -21.35 -16.65 -15.23
C PHE A 140 -20.66 -16.28 -16.51
N SER A 141 -19.74 -15.33 -16.42
CA SER A 141 -19.05 -14.83 -17.63
C SER A 141 -17.62 -15.32 -17.64
N HIS A 142 -16.97 -15.22 -18.77
CA HIS A 142 -15.59 -15.73 -18.84
C HIS A 142 -14.57 -14.65 -18.48
N ASN A 143 -15.01 -13.40 -18.61
CA ASN A 143 -14.15 -12.27 -18.34
C ASN A 143 -14.97 -10.97 -18.26
N PHE A 144 -14.26 -9.85 -18.06
CA PHE A 144 -14.90 -8.55 -17.88
C PHE A 144 -15.65 -8.12 -19.10
N GLU A 145 -15.07 -8.36 -20.27
CA GLU A 145 -15.67 -7.99 -21.50
C GLU A 145 -16.99 -8.67 -21.63
N GLN A 146 -17.02 -9.93 -21.24
CA GLN A 146 -18.25 -10.69 -21.45
C GLN A 146 -19.30 -10.24 -20.40
N SER A 147 -18.86 -9.95 -19.20
CA SER A 147 -19.77 -9.38 -18.18
C SER A 147 -20.49 -8.15 -18.72
N LEU A 148 -19.75 -7.26 -19.34
CA LEU A 148 -20.31 -6.02 -19.87
C LEU A 148 -21.24 -6.32 -21.02
N GLN A 149 -20.84 -7.28 -21.86
CA GLN A 149 -21.68 -7.64 -23.00
C GLN A 149 -23.02 -8.29 -22.57
N LEU A 150 -23.00 -9.08 -21.51
CA LEU A 150 -24.22 -9.67 -20.95
C LEU A 150 -25.15 -8.56 -20.46
N LEU A 151 -24.56 -7.55 -19.84
CA LEU A 151 -25.33 -6.41 -19.39
C LEU A 151 -25.97 -5.67 -20.57
N LEU A 152 -25.21 -5.44 -21.67
CA LEU A 152 -25.78 -4.77 -22.85
C LEU A 152 -26.91 -5.54 -23.48
N SER A 153 -26.72 -6.85 -23.67
CA SER A 153 -27.71 -7.72 -24.29
C SER A 153 -28.97 -7.90 -23.44
N LYS A 154 -28.96 -7.43 -22.19
CA LYS A 154 -30.06 -7.58 -21.24
C LYS A 154 -30.24 -9.00 -20.61
N ARG A 155 -29.28 -9.89 -20.81
CA ARG A 155 -29.25 -11.15 -20.05
C ARG A 155 -29.11 -10.90 -18.54
N THR A 156 -28.42 -9.85 -18.14
CA THR A 156 -28.29 -9.47 -16.74
C THR A 156 -28.58 -7.98 -16.58
N ASP A 157 -28.88 -7.57 -15.36
CA ASP A 157 -29.15 -6.18 -15.11
C ASP A 157 -28.00 -5.45 -14.45
N ALA A 158 -26.98 -6.16 -13.98
CA ALA A 158 -25.83 -5.48 -13.32
C ALA A 158 -24.61 -6.31 -13.40
N THR A 159 -23.41 -5.73 -13.14
CA THR A 159 -22.21 -6.51 -12.89
C THR A 159 -21.33 -5.69 -11.91
N MET A 160 -20.77 -6.34 -10.90
CA MET A 160 -19.81 -5.70 -9.99
C MET A 160 -18.44 -5.95 -10.64
N ILE A 161 -17.73 -4.87 -10.94
CA ILE A 161 -16.51 -4.93 -11.78
C ILE A 161 -15.51 -3.97 -11.17
N PRO A 162 -14.25 -4.40 -11.04
CA PRO A 162 -13.24 -3.38 -10.59
C PRO A 162 -13.09 -2.18 -11.57
N ASP A 163 -12.70 -1.06 -11.03
CA ASP A 163 -12.52 0.12 -11.83
C ASP A 163 -11.49 -0.05 -12.95
N ILE A 164 -10.36 -0.71 -12.68
CA ILE A 164 -9.30 -0.78 -13.69
C ILE A 164 -9.80 -1.30 -15.06
N PRO A 165 -10.42 -2.49 -15.09
CA PRO A 165 -10.95 -2.95 -16.38
C PRO A 165 -12.12 -2.14 -16.95
N PHE A 166 -13.05 -1.70 -16.11
CA PHE A 166 -14.11 -0.86 -16.59
C PHE A 166 -13.59 0.40 -17.28
N PHE A 167 -12.66 1.10 -16.65
CA PHE A 167 -12.10 2.28 -17.31
C PHE A 167 -11.29 1.98 -18.56
N ASN A 168 -10.64 0.83 -18.61
CA ASN A 168 -9.93 0.44 -19.82
C ASN A 168 -10.96 0.20 -20.94
N PHE A 169 -12.06 -0.42 -20.60
CA PHE A 169 -13.13 -0.63 -21.55
C PHE A 169 -13.57 0.72 -22.16
N LEU A 170 -13.77 1.71 -21.31
CA LEU A 170 -14.15 3.01 -21.76
C LEU A 170 -13.14 3.69 -22.64
N GLU A 171 -11.86 3.52 -22.37
CA GLU A 171 -10.81 4.02 -23.25
C GLU A 171 -10.75 3.30 -24.60
N ARG A 172 -10.94 2.00 -24.63
CA ARG A 172 -10.95 1.29 -25.91
C ARG A 172 -12.24 1.49 -26.71
N ARG A 173 -13.38 1.60 -26.01
CA ARG A 173 -14.68 1.65 -26.68
C ARG A 173 -15.51 2.90 -26.20
N PRO A 174 -15.01 4.14 -26.44
CA PRO A 174 -15.62 5.34 -25.80
C PRO A 174 -17.08 5.62 -26.21
N HIS A 175 -17.42 5.21 -27.43
CA HIS A 175 -18.78 5.32 -27.96
C HIS A 175 -19.77 4.33 -27.33
N ASP A 176 -19.27 3.25 -26.74
CA ASP A 176 -20.10 2.36 -25.98
C ASP A 176 -20.31 2.88 -24.57
N GLY A 177 -19.52 3.86 -24.15
CA GLY A 177 -19.61 4.32 -22.79
C GLY A 177 -20.98 4.78 -22.38
N ASN A 178 -21.70 5.44 -23.30
N ASN A 178 -21.67 5.42 -23.34
CA ASN A 178 -23.00 6.02 -23.01
CA ASN A 178 -23.00 5.98 -23.20
C ASN A 178 -24.06 4.95 -22.67
C ASN A 178 -24.04 4.96 -22.72
N LEU A 179 -23.76 3.69 -22.93
CA LEU A 179 -24.67 2.61 -22.60
C LEU A 179 -24.59 2.12 -21.18
N PHE A 180 -23.61 2.61 -20.40
CA PHE A 180 -23.35 2.07 -19.06
C PHE A 180 -23.28 3.21 -18.09
N LYS A 181 -23.62 2.96 -16.84
CA LYS A 181 -23.32 3.90 -15.77
C LYS A 181 -22.91 3.19 -14.49
N ILE A 182 -22.18 3.90 -13.64
CA ILE A 182 -21.81 3.46 -12.30
C ILE A 182 -22.96 3.89 -11.35
N ALA A 183 -23.61 2.89 -10.76
CA ALA A 183 -24.72 3.13 -9.83
C ALA A 183 -24.23 3.24 -8.43
N ASP A 184 -23.14 2.57 -8.13
CA ASP A 184 -22.57 2.63 -6.78
C ASP A 184 -21.13 2.20 -6.83
N ARG A 185 -20.41 2.43 -5.74
N ARG A 185 -20.41 2.45 -5.74
CA ARG A 185 -19.07 1.87 -5.63
CA ARG A 185 -19.01 2.00 -5.61
C ARG A 185 -18.69 1.66 -4.18
C ARG A 185 -18.72 1.64 -4.15
N MET A 186 -17.80 0.72 -3.92
CA MET A 186 -17.42 0.40 -2.56
C MET A 186 -16.72 1.61 -1.95
N LYS A 187 -16.92 1.83 -0.67
CA LYS A 187 -16.33 2.97 0.02
C LYS A 187 -14.84 2.86 0.16
N ASP A 188 -14.35 1.65 0.17
CA ASP A 188 -12.91 1.44 0.34
C ASP A 188 -12.38 0.81 -0.94
N ASN A 189 -11.13 1.06 -1.26
CA ASN A 189 -10.49 0.27 -2.32
C ASN A 189 -9.78 -1.01 -1.73
N SER A 190 -9.14 -1.77 -2.58
CA SER A 190 -8.61 -3.04 -2.17
C SER A 190 -7.22 -3.18 -2.74
N ALA A 191 -6.32 -3.65 -1.90
CA ALA A 191 -4.92 -3.91 -2.29
C ALA A 191 -4.83 -5.17 -3.14
N VAL A 192 -3.97 -5.10 -4.17
CA VAL A 192 -3.67 -6.17 -5.11
C VAL A 192 -2.19 -6.48 -5.10
N ALA A 193 -1.87 -7.77 -5.06
CA ALA A 193 -0.48 -8.24 -4.94
C ALA A 193 -0.22 -9.49 -5.75
N PHE A 194 1.04 -9.86 -5.85
CA PHE A 194 1.38 -11.22 -6.38
C PHE A 194 1.17 -12.27 -5.33
N MET A 195 0.51 -13.35 -5.67
CA MET A 195 0.28 -14.44 -4.71
C MET A 195 1.11 -15.71 -5.01
N MET A 196 1.64 -16.31 -3.92
CA MET A 196 2.54 -17.47 -3.99
C MET A 196 2.15 -18.50 -2.95
N ARG A 197 2.64 -19.73 -3.11
CA ARG A 197 2.47 -20.79 -2.07
C ARG A 197 3.22 -20.33 -0.82
N LYS A 198 2.68 -20.67 0.32
CA LYS A 198 3.42 -20.56 1.59
C LYS A 198 4.75 -21.24 1.53
N GLY A 199 5.74 -20.61 2.13
CA GLY A 199 7.00 -21.25 2.45
C GLY A 199 8.16 -20.99 1.52
N ASN A 200 8.15 -19.85 0.85
CA ASN A 200 9.34 -19.40 0.17
C ASN A 200 9.53 -17.90 0.49
N ASN A 201 9.77 -17.68 1.78
CA ASN A 201 10.08 -16.37 2.29
C ASN A 201 11.12 -15.70 1.45
N LYS A 202 12.11 -16.46 1.03
CA LYS A 202 13.22 -15.86 0.32
C LYS A 202 12.73 -15.20 -0.96
N LEU A 203 11.87 -15.86 -1.70
CA LEU A 203 11.34 -15.33 -2.94
C LEU A 203 10.46 -14.10 -2.70
N THR A 204 9.60 -14.19 -1.71
CA THR A 204 8.74 -13.09 -1.35
C THR A 204 9.53 -11.81 -1.01
N ARG A 205 10.54 -11.97 -0.16
N ARG A 205 10.54 -11.95 -0.15
CA ARG A 205 11.32 -10.84 0.26
CA ARG A 205 11.35 -10.80 0.23
C ARG A 205 12.06 -10.24 -0.94
C ARG A 205 12.05 -10.23 -0.98
N SER A 206 12.57 -11.11 -1.82
CA SER A 206 13.29 -10.68 -3.02
C SER A 206 12.41 -9.89 -3.97
N ILE A 207 11.22 -10.44 -4.28
CA ILE A 207 10.20 -9.68 -5.00
C ILE A 207 9.89 -8.32 -4.37
N ASN A 208 9.73 -8.27 -3.03
CA ASN A 208 9.42 -7.01 -2.32
C ASN A 208 10.53 -5.99 -2.48
N GLU A 209 11.74 -6.49 -2.36
CA GLU A 209 12.91 -5.66 -2.50
C GLU A 209 12.97 -5.05 -3.92
N ILE A 210 12.83 -5.89 -4.94
CA ILE A 210 12.82 -5.42 -6.31
C ILE A 210 11.62 -4.45 -6.59
N LEU A 211 10.46 -4.70 -6.01
CA LEU A 211 9.34 -3.80 -6.23
C LEU A 211 9.66 -2.38 -5.71
N CYS A 212 10.27 -2.30 -4.53
N CYS A 212 10.30 -2.31 -4.54
CA CYS A 212 10.74 -0.99 -4.04
CA CYS A 212 10.77 -1.04 -3.97
C CYS A 212 11.72 -0.30 -4.99
C CYS A 212 11.75 -0.32 -4.91
N ALA A 213 12.69 -1.06 -5.49
CA ALA A 213 13.64 -0.52 -6.42
C ALA A 213 13.00 0.01 -7.71
N ILE A 214 12.00 -0.71 -8.19
CA ILE A 214 11.22 -0.31 -9.33
C ILE A 214 10.43 0.98 -9.08
N HIS A 215 9.90 1.14 -7.86
CA HIS A 215 9.23 2.40 -7.53
C HIS A 215 10.31 3.51 -7.54
N LEU A 216 11.45 3.23 -6.93
CA LEU A 216 12.43 4.29 -6.64
C LEU A 216 13.09 4.83 -7.91
N ASP A 217 13.40 3.98 -8.85
CA ASP A 217 14.04 4.47 -10.08
C ASP A 217 13.09 4.93 -11.17
N GLY A 218 11.78 5.00 -10.90
CA GLY A 218 10.84 5.52 -11.88
C GLY A 218 10.24 4.49 -12.83
N THR A 219 10.70 3.25 -12.72
CA THR A 219 10.16 2.17 -13.57
C THR A 219 8.66 1.84 -13.26
N TYR A 220 8.29 1.84 -12.01
CA TYR A 220 6.87 1.68 -11.68
C TYR A 220 6.02 2.69 -12.44
N LYS A 221 6.37 3.96 -12.34
CA LYS A 221 5.63 5.00 -12.99
C LYS A 221 5.58 4.83 -14.50
N LYS A 222 6.69 4.39 -15.09
CA LYS A 222 6.73 4.17 -16.52
C LYS A 222 5.76 3.05 -16.93
N ILE A 223 5.74 1.95 -16.17
CA ILE A 223 4.84 0.84 -16.49
C ILE A 223 3.38 1.25 -16.18
N PHE A 224 3.15 1.92 -15.06
CA PHE A 224 1.84 2.41 -14.65
C PHE A 224 1.25 3.33 -15.74
N ASP A 225 2.04 4.28 -16.20
CA ASP A 225 1.55 5.27 -17.16
C ASP A 225 1.33 4.66 -18.54
N ARG A 226 2.02 3.57 -18.88
CA ARG A 226 1.74 2.84 -20.11
C ARG A 226 0.27 2.29 -20.14
N TYR A 227 -0.35 2.00 -19.02
CA TYR A 227 -1.66 1.35 -19.07
C TYR A 227 -2.82 2.14 -18.48
N PHE A 228 -2.52 3.06 -17.58
CA PHE A 228 -3.54 3.61 -16.73
C PHE A 228 -3.45 5.11 -16.68
N ASP A 229 -4.60 5.70 -16.37
CA ASP A 229 -4.78 7.13 -16.10
C ASP A 229 -4.70 7.37 -14.57
N LYS A 230 -3.62 7.99 -14.11
CA LYS A 230 -3.42 8.28 -12.68
C LYS A 230 -4.48 9.20 -12.06
N ASN A 231 -5.28 9.87 -12.88
CA ASN A 231 -6.37 10.70 -12.38
C ASN A 231 -7.55 9.88 -11.90
N ILE A 232 -7.60 8.61 -12.31
CA ILE A 232 -8.77 7.77 -12.04
C ILE A 232 -8.39 6.52 -11.23
N ILE A 233 -7.29 5.88 -11.60
CA ILE A 233 -6.80 4.67 -10.90
C ILE A 233 -5.82 4.99 -9.76
N SER A 234 -5.99 4.36 -8.58
CA SER A 234 -5.03 4.57 -7.46
C SER A 234 -3.73 3.76 -7.57
N SER A 235 -2.60 4.41 -7.32
CA SER A 235 -1.38 3.61 -7.12
C SER A 235 -1.29 3.28 -5.63
N VAL A 236 -0.25 2.56 -5.30
CA VAL A 236 0.10 2.35 -3.92
C VAL A 236 1.20 3.36 -3.62
N PRO A 237 1.53 3.54 -2.36
CA PRO A 237 2.65 4.42 -1.98
C PRO A 237 3.97 3.94 -2.59
N GLY A 238 4.92 4.83 -2.76
CA GLY A 238 6.27 4.38 -3.14
C GLY A 238 7.04 3.88 -1.91
N CYS A 239 8.37 3.85 -2.05
N CYS A 239 8.38 3.83 -2.04
CA CYS A 239 9.28 3.40 -1.03
CA CYS A 239 9.20 3.47 -0.93
C CYS A 239 10.22 4.56 -0.70
C CYS A 239 10.36 4.45 -0.83
N SER A 240 11.04 4.36 0.29
CA SER A 240 12.10 5.28 0.62
C SER A 240 13.39 4.53 0.38
N SER A 241 14.42 5.32 0.52
CA SER A 241 15.83 5.09 0.34
C SER A 241 16.37 4.73 -0.96
N SER B 8 2.72 -15.17 25.82
CA SER B 8 1.85 -14.14 26.44
C SER B 8 2.04 -12.69 25.86
N ALA B 9 3.29 -12.21 25.73
CA ALA B 9 3.52 -10.80 25.36
C ALA B 9 4.06 -10.53 23.93
N LEU B 10 3.60 -9.45 23.32
CA LEU B 10 4.21 -8.94 22.09
C LEU B 10 5.09 -7.83 22.57
N ARG B 11 6.38 -7.90 22.28
CA ARG B 11 7.36 -6.91 22.72
C ARG B 11 7.58 -5.89 21.58
N VAL B 12 7.28 -4.63 21.88
CA VAL B 12 7.24 -3.58 20.87
C VAL B 12 8.21 -2.49 21.22
N GLY B 13 9.12 -2.19 20.31
CA GLY B 13 9.98 -1.06 20.50
C GLY B 13 9.43 0.20 19.79
N THR B 14 9.58 1.34 20.47
CA THR B 14 9.11 2.66 20.04
C THR B 14 9.88 3.74 20.80
N ASP B 15 9.92 4.92 20.24
CA ASP B 15 10.39 6.13 20.95
C ASP B 15 9.16 6.97 21.29
N GLY B 16 8.91 7.16 22.57
CA GLY B 16 7.70 7.86 23.00
C GLY B 16 7.66 9.38 23.15
N ILE B 17 8.40 10.11 22.31
CA ILE B 17 8.37 11.54 22.19
C ILE B 17 8.10 12.00 20.74
N TYR B 18 7.27 11.22 20.03
CA TYR B 18 6.96 11.39 18.63
C TYR B 18 5.48 11.49 18.31
N PRO B 19 4.82 12.54 18.81
CA PRO B 19 3.41 12.69 18.43
C PRO B 19 3.32 13.02 16.94
N PRO B 20 2.27 12.57 16.28
CA PRO B 20 1.16 11.80 16.83
C PRO B 20 1.32 10.28 16.78
N HIS B 21 2.53 9.79 16.51
CA HIS B 21 2.79 8.36 16.37
C HIS B 21 2.80 7.64 17.71
N SER B 22 3.53 8.21 18.67
CA SER B 22 3.86 7.55 19.90
C SER B 22 4.25 8.61 20.90
N PHE B 23 3.42 8.81 21.92
CA PHE B 23 3.71 9.90 22.86
C PHE B 23 2.96 9.63 24.14
N HIS B 24 3.34 10.32 25.20
CA HIS B 24 2.73 10.11 26.51
C HIS B 24 1.68 11.19 26.79
N ALA B 25 0.51 10.74 27.20
CA ALA B 25 -0.57 11.60 27.60
C ALA B 25 -0.20 12.49 28.82
N GLN B 26 -1.06 13.46 29.11
CA GLN B 26 -0.83 14.44 30.21
C GLN B 26 0.53 15.06 30.20
N ASP B 27 0.91 15.61 29.04
CA ASP B 27 2.18 16.31 28.92
C ASP B 27 3.42 15.47 29.32
N GLY B 28 3.43 14.23 28.87
CA GLY B 28 4.55 13.35 29.16
C GLY B 28 4.38 12.44 30.35
N ARG B 29 3.39 12.71 31.20
CA ARG B 29 3.26 11.97 32.44
C ARG B 29 2.44 10.68 32.39
N GLY B 30 1.56 10.56 31.42
CA GLY B 30 0.65 9.42 31.43
C GLY B 30 1.05 8.32 30.50
N GLU B 31 0.03 7.60 30.02
N GLU B 31 0.05 7.53 30.07
CA GLU B 31 0.26 6.38 29.27
CA GLU B 31 0.35 6.34 29.32
C GLU B 31 0.69 6.71 27.85
C GLU B 31 0.67 6.69 27.87
N LEU B 32 1.35 5.75 27.23
CA LEU B 32 1.67 5.81 25.85
C LEU B 32 0.43 5.71 25.00
N THR B 33 0.36 6.58 24.00
CA THR B 33 -0.77 6.65 23.12
C THR B 33 -0.23 7.11 21.75
N GLY B 34 -1.11 7.30 20.77
CA GLY B 34 -0.71 7.66 19.42
C GLY B 34 -1.26 6.69 18.36
N PHE B 35 -1.13 7.06 17.09
CA PHE B 35 -1.73 6.25 16.04
C PHE B 35 -1.11 4.84 15.98
N ASP B 36 0.23 4.79 15.91
CA ASP B 36 0.92 3.57 15.78
C ASP B 36 0.78 2.69 17.05
N ILE B 37 0.75 3.31 18.21
CA ILE B 37 0.55 2.65 19.50
C ILE B 37 -0.84 1.98 19.57
N ASP B 38 -1.90 2.73 19.23
CA ASP B 38 -3.23 2.20 19.30
C ASP B 38 -3.37 1.05 18.31
N LEU B 39 -2.73 1.20 17.15
CA LEU B 39 -2.87 0.21 16.13
C LEU B 39 -2.18 -1.11 16.57
N ILE B 40 -0.94 -1.03 17.08
CA ILE B 40 -0.25 -2.26 17.46
C ILE B 40 -0.93 -2.89 18.70
N LYS B 41 -1.51 -2.09 19.58
CA LYS B 41 -2.29 -2.64 20.68
C LYS B 41 -3.53 -3.35 20.17
N GLU B 42 -4.17 -2.81 19.15
CA GLU B 42 -5.36 -3.46 18.60
C GLU B 42 -4.99 -4.78 17.91
N VAL B 43 -3.87 -4.79 17.19
CA VAL B 43 -3.32 -6.03 16.64
C VAL B 43 -3.05 -7.11 17.70
N ALA B 44 -2.30 -6.74 18.72
CA ALA B 44 -2.00 -7.60 19.84
C ALA B 44 -3.25 -8.16 20.47
N HIS B 45 -4.19 -7.28 20.79
CA HIS B 45 -5.49 -7.68 21.31
C HIS B 45 -6.18 -8.80 20.44
N ARG B 46 -6.26 -8.60 19.14
CA ARG B 46 -6.88 -9.60 18.28
C ARG B 46 -6.09 -10.90 18.17
N LEU B 47 -4.80 -10.85 18.48
CA LEU B 47 -3.99 -12.03 18.59
C LEU B 47 -4.01 -12.68 19.98
N ASN B 48 -4.75 -12.11 20.91
CA ASN B 48 -4.78 -12.60 22.27
C ASN B 48 -3.43 -12.48 22.97
N LEU B 49 -2.67 -11.42 22.62
CA LEU B 49 -1.38 -11.12 23.25
C LEU B 49 -1.46 -9.85 24.07
N LYS B 50 -0.72 -9.82 25.17
CA LYS B 50 -0.48 -8.59 25.89
C LYS B 50 0.64 -7.82 25.16
N VAL B 51 0.60 -6.49 25.20
CA VAL B 51 1.69 -5.67 24.68
C VAL B 51 2.61 -5.19 25.77
N GLU B 52 3.88 -5.23 25.47
CA GLU B 52 4.90 -4.67 26.32
C GLU B 52 5.78 -3.74 25.48
N PHE B 53 5.87 -2.48 25.88
CA PHE B 53 6.54 -1.41 25.14
C PHE B 53 7.91 -1.18 25.76
N PHE B 54 8.90 -1.11 24.91
CA PHE B 54 10.28 -0.82 25.28
C PHE B 54 10.65 0.51 24.68
N GLU B 55 10.61 1.54 25.49
CA GLU B 55 10.89 2.86 24.97
C GLU B 55 12.38 3.00 24.71
N THR B 56 12.72 3.51 23.53
N THR B 56 12.73 3.36 23.47
CA THR B 56 14.07 3.45 23.00
CA THR B 56 14.13 3.53 23.09
C THR B 56 14.27 4.66 22.06
C THR B 56 14.25 4.68 22.12
N ALA B 57 15.39 5.35 22.16
CA ALA B 57 15.70 6.47 21.26
C ALA B 57 15.80 5.97 19.83
N VAL B 58 15.43 6.86 18.89
CA VAL B 58 15.42 6.57 17.45
C VAL B 58 16.73 6.00 17.00
N SER B 59 17.81 6.57 17.51
CA SER B 59 19.11 6.09 17.08
C SER B 59 19.38 4.60 17.43
N GLY B 60 18.69 4.07 18.44
CA GLY B 60 18.82 2.69 18.80
C GLY B 60 17.64 1.79 18.47
N LEU B 61 16.70 2.25 17.66
CA LEU B 61 15.50 1.41 17.43
C LEU B 61 15.82 0.14 16.63
N ILE B 62 16.51 0.31 15.52
CA ILE B 62 16.82 -0.84 14.69
C ILE B 62 17.91 -1.71 15.31
N THR B 63 18.87 -1.12 15.99
CA THR B 63 19.87 -1.92 16.70
C THR B 63 19.22 -2.67 17.85
N GLY B 64 18.19 -2.06 18.46
CA GLY B 64 17.46 -2.72 19.53
C GLY B 64 16.81 -4.01 19.04
N LEU B 65 16.32 -3.94 17.83
CA LEU B 65 15.65 -5.07 17.20
C LEU B 65 16.71 -6.16 16.87
N ASP B 66 17.84 -5.78 16.31
CA ASP B 66 18.98 -6.68 16.15
C ASP B 66 19.35 -7.40 17.42
N THR B 67 19.23 -6.68 18.53
CA THR B 67 19.77 -7.08 19.81
C THR B 67 18.71 -7.96 20.52
N ASN B 68 17.59 -8.18 19.88
CA ASN B 68 16.50 -8.99 20.38
C ASN B 68 15.93 -8.43 21.64
N ARG B 69 15.98 -7.10 21.81
CA ARG B 69 15.32 -6.49 22.97
C ARG B 69 13.80 -6.45 22.82
N TYR B 70 13.29 -6.57 21.58
CA TYR B 70 11.85 -6.57 21.36
C TYR B 70 11.68 -7.19 20.00
N ASP B 71 10.45 -7.46 19.64
CA ASP B 71 10.11 -8.22 18.45
C ASP B 71 9.58 -7.39 17.25
N VAL B 72 8.89 -6.29 17.54
N VAL B 72 8.94 -6.27 17.52
CA VAL B 72 8.28 -5.42 16.51
CA VAL B 72 8.32 -5.48 16.43
C VAL B 72 8.74 -3.99 16.70
C VAL B 72 8.64 -4.00 16.66
N LEU B 73 9.01 -3.32 15.59
CA LEU B 73 9.18 -1.82 15.54
C LEU B 73 7.99 -1.20 14.78
N VAL B 74 7.46 -0.12 15.32
CA VAL B 74 6.39 0.61 14.67
C VAL B 74 6.94 1.69 13.78
N ASN B 75 6.12 2.07 12.77
CA ASN B 75 6.30 3.30 12.01
C ASN B 75 7.68 3.26 11.33
N VAL B 76 7.94 2.18 10.61
CA VAL B 76 9.20 2.06 9.86
C VAL B 76 8.95 2.23 8.38
N ALA B 77 9.65 3.19 7.76
CA ALA B 77 9.58 3.30 6.31
C ALA B 77 10.25 2.09 5.60
N ILE B 78 9.53 1.51 4.65
CA ILE B 78 10.09 0.42 3.82
C ILE B 78 11.16 1.00 2.87
N THR B 79 12.33 0.39 2.90
CA THR B 79 13.43 0.67 1.97
C THR B 79 14.01 -0.67 1.49
N PRO B 80 14.63 -0.70 0.33
CA PRO B 80 15.24 -1.96 -0.11
C PRO B 80 16.34 -2.52 0.79
N GLU B 81 17.16 -1.69 1.42
CA GLU B 81 18.15 -2.18 2.36
C GLU B 81 17.47 -2.84 3.57
N ARG B 82 16.41 -2.23 4.07
CA ARG B 82 15.72 -2.79 5.21
C ARG B 82 15.05 -4.12 4.82
N GLN B 83 14.54 -4.18 3.64
CA GLN B 83 13.83 -5.42 3.24
C GLN B 83 14.83 -6.57 3.01
N LYS B 84 16.06 -6.24 2.68
CA LYS B 84 17.11 -7.28 2.61
C LYS B 84 17.39 -7.92 3.97
N LYS B 85 17.30 -7.14 5.05
CA LYS B 85 17.74 -7.57 6.35
C LYS B 85 16.63 -7.91 7.37
N TYR B 86 15.39 -7.50 7.12
CA TYR B 86 14.34 -7.56 8.12
C TYR B 86 13.09 -8.00 7.44
N ASP B 87 12.11 -8.44 8.24
CA ASP B 87 10.76 -8.64 7.73
C ASP B 87 9.81 -7.40 7.96
N PHE B 88 8.87 -7.21 7.06
CA PHE B 88 7.87 -6.14 7.15
C PHE B 88 6.50 -6.69 6.99
N SER B 89 5.61 -6.13 7.76
CA SER B 89 4.21 -6.33 7.51
C SER B 89 3.80 -5.60 6.24
N ILE B 90 2.57 -5.87 5.79
N ILE B 90 2.58 -5.91 5.82
CA ILE B 90 2.01 -5.09 4.71
CA ILE B 90 1.82 -5.09 4.92
C ILE B 90 1.91 -3.67 5.25
C ILE B 90 1.91 -3.61 5.34
N PRO B 91 2.08 -2.67 4.37
CA PRO B 91 2.05 -1.25 4.80
C PRO B 91 0.71 -0.84 5.41
N TYR B 92 0.78 -0.07 6.48
CA TYR B 92 -0.42 0.47 7.13
C TYR B 92 -0.69 1.98 7.08
N ILE B 93 0.30 2.76 6.64
CA ILE B 93 0.15 4.16 6.48
C ILE B 93 1.24 4.62 5.46
N ALA B 94 1.15 5.85 4.96
CA ALA B 94 2.21 6.42 4.11
C ALA B 94 2.49 7.84 4.53
N HIS B 95 3.72 8.29 4.35
CA HIS B 95 4.06 9.66 4.63
C HIS B 95 4.77 10.23 3.42
N ARG B 96 4.82 11.57 3.34
CA ARG B 96 5.58 12.22 2.28
C ARG B 96 6.64 13.09 2.90
N VAL B 97 7.86 12.89 2.48
CA VAL B 97 8.96 13.67 3.01
C VAL B 97 8.90 15.10 2.42
N LEU B 98 9.01 16.08 3.30
CA LEU B 98 8.92 17.48 2.95
C LEU B 98 10.26 18.12 3.31
N LEU B 99 10.65 19.11 2.51
CA LEU B 99 11.74 20.04 2.85
C LEU B 99 11.12 21.31 3.46
N VAL B 100 11.24 21.45 4.79
CA VAL B 100 10.65 22.59 5.49
C VAL B 100 11.77 23.62 5.86
N VAL B 101 11.50 24.88 5.55
CA VAL B 101 12.36 26.06 5.88
C VAL B 101 11.46 27.13 6.49
N ARG B 102 12.07 28.12 7.12
CA ARG B 102 11.31 29.32 7.52
C ARG B 102 10.75 30.07 6.29
N SER B 103 9.59 30.70 6.49
CA SER B 103 8.92 31.39 5.37
C SER B 103 9.72 32.57 4.82
N ASP B 104 10.65 33.09 5.61
CA ASP B 104 11.63 34.12 5.18
C ASP B 104 12.91 33.62 4.46
N GLN B 105 13.12 32.31 4.32
CA GLN B 105 14.33 31.78 3.68
C GLN B 105 14.37 32.07 2.16
N GLN B 106 15.51 32.50 1.62
CA GLN B 106 15.51 32.94 0.20
C GLN B 106 16.24 31.96 -0.72
N ASP B 107 17.14 31.14 -0.20
CA ASP B 107 18.05 30.41 -1.06
C ASP B 107 17.93 28.88 -1.05
N ILE B 108 16.79 28.34 -0.61
CA ILE B 108 16.57 26.91 -0.63
C ILE B 108 15.26 26.65 -1.35
N ARG B 109 15.38 26.05 -2.53
CA ARG B 109 14.22 25.83 -3.35
C ARG B 109 14.12 24.38 -3.75
N SER B 110 15.13 23.58 -3.44
CA SER B 110 15.09 22.14 -3.70
C SER B 110 15.98 21.41 -2.72
N PHE B 111 15.90 20.08 -2.73
CA PHE B 111 16.76 19.25 -1.93
C PHE B 111 18.21 19.48 -2.29
N LYS B 112 18.48 19.67 -3.57
CA LYS B 112 19.84 19.98 -4.01
C LYS B 112 20.46 21.20 -3.36
N ASP B 113 19.65 22.21 -3.03
CA ASP B 113 20.15 23.41 -2.41
C ASP B 113 20.64 23.25 -0.95
N LEU B 114 20.46 22.06 -0.36
CA LEU B 114 20.90 21.82 1.04
C LEU B 114 22.41 21.60 1.21
N THR B 115 23.14 21.38 0.12
CA THR B 115 24.59 21.32 0.21
C THR B 115 25.12 22.58 0.87
N ASP B 116 25.94 22.41 1.88
CA ASP B 116 26.51 23.54 2.59
C ASP B 116 25.52 24.44 3.36
N LYS B 117 24.31 23.95 3.62
CA LYS B 117 23.41 24.61 4.54
C LYS B 117 23.38 23.80 5.83
N THR B 118 22.86 24.40 6.89
N THR B 118 22.83 24.41 6.87
CA THR B 118 22.82 23.73 8.17
CA THR B 118 22.77 23.81 8.17
C THR B 118 21.42 23.18 8.33
C THR B 118 21.39 23.17 8.31
N VAL B 119 21.32 21.86 8.55
CA VAL B 119 20.05 21.16 8.60
C VAL B 119 19.90 20.33 9.90
N ALA B 120 18.70 20.33 10.47
CA ALA B 120 18.40 19.54 11.65
C ALA B 120 17.88 18.18 11.15
N GLN B 121 18.51 17.09 11.58
CA GLN B 121 17.97 15.76 11.29
C GLN B 121 18.22 14.89 12.49
N ILE B 122 17.54 13.77 12.48
CA ILE B 122 17.59 12.82 13.63
C ILE B 122 18.59 11.72 13.37
N LEU B 123 19.49 11.57 14.32
CA LEU B 123 20.53 10.55 14.29
C LEU B 123 19.95 9.21 14.08
N GLY B 124 20.56 8.48 13.16
CA GLY B 124 20.12 7.19 12.78
C GLY B 124 19.01 7.04 11.76
N THR B 125 18.64 8.09 11.04
CA THR B 125 17.52 8.00 10.11
C THR B 125 18.09 8.06 8.72
N ASP B 126 17.29 7.63 7.76
CA ASP B 126 17.62 7.73 6.33
C ASP B 126 17.81 9.22 5.96
N LEU B 127 17.01 10.11 6.54
CA LEU B 127 17.09 11.51 6.16
C LEU B 127 18.39 12.19 6.68
N SER B 128 18.85 11.76 7.85
N SER B 128 18.87 11.75 7.84
CA SER B 128 20.20 12.10 8.32
CA SER B 128 20.21 12.13 8.33
C SER B 128 21.24 11.70 7.29
C SER B 128 21.30 11.65 7.38
N ARG B 129 21.17 10.43 6.86
CA ARG B 129 22.15 9.89 5.90
C ARG B 129 22.08 10.72 4.62
N PHE B 130 20.88 10.99 4.12
CA PHE B 130 20.69 11.82 2.94
C PHE B 130 21.35 13.22 3.04
N ALA B 131 21.15 13.86 4.18
CA ALA B 131 21.76 15.17 4.49
C ALA B 131 23.28 15.11 4.41
N LYS B 132 23.85 14.04 4.98
CA LYS B 132 25.29 13.84 4.91
C LYS B 132 25.74 13.61 3.46
N GLU B 133 24.96 12.86 2.68
CA GLU B 133 25.28 12.68 1.25
C GLU B 133 25.28 13.98 0.43
N LEU B 134 24.36 14.89 0.80
CA LEU B 134 24.24 16.18 0.16
C LEU B 134 25.35 17.11 0.63
N LYS B 135 26.10 16.69 1.61
CA LYS B 135 27.13 17.55 2.23
C LYS B 135 26.57 18.78 2.91
N SER B 136 25.41 18.61 3.53
N SER B 136 25.42 18.64 3.53
CA SER B 136 24.99 19.58 4.53
CA SER B 136 24.96 19.66 4.47
C SER B 136 25.84 19.57 5.79
C SER B 136 25.76 19.59 5.77
N HIS B 137 25.66 20.63 6.58
CA HIS B 137 26.14 20.59 7.93
C HIS B 137 24.98 20.15 8.85
N LEU B 138 25.15 19.02 9.52
N LEU B 138 25.15 19.02 9.50
CA LEU B 138 24.12 18.41 10.33
CA LEU B 138 24.15 18.53 10.40
C LEU B 138 24.15 18.82 11.81
C LEU B 138 24.17 19.22 11.75
N VAL B 139 22.99 19.25 12.31
CA VAL B 139 22.76 19.48 13.70
C VAL B 139 21.76 18.35 14.08
N PHE B 140 22.23 17.46 14.98
CA PHE B 140 21.47 16.31 15.42
C PHE B 140 20.37 16.67 16.42
N SER B 141 19.13 16.37 16.06
N SER B 141 19.14 16.33 16.05
CA SER B 141 18.00 16.62 16.92
CA SER B 141 17.95 16.57 16.83
C SER B 141 17.47 15.32 17.49
C SER B 141 17.50 15.29 17.52
N HIS B 142 16.85 15.40 18.66
CA HIS B 142 16.36 14.20 19.31
C HIS B 142 14.89 13.83 18.97
N ASN B 143 14.16 14.70 18.29
CA ASN B 143 12.81 14.41 17.78
C ASN B 143 12.37 15.49 16.84
N PHE B 144 11.15 15.34 16.30
CA PHE B 144 10.65 16.24 15.31
C PHE B 144 10.39 17.63 15.89
N GLU B 145 9.89 17.64 17.12
CA GLU B 145 9.61 18.88 17.80
C GLU B 145 10.89 19.76 17.89
N GLN B 146 11.96 19.12 18.30
CA GLN B 146 13.24 19.83 18.42
C GLN B 146 13.80 20.20 17.03
N SER B 147 13.56 19.36 15.99
CA SER B 147 13.99 19.76 14.67
C SER B 147 13.34 21.08 14.26
N LEU B 148 12.04 21.19 14.53
CA LEU B 148 11.30 22.37 14.14
C LEU B 148 11.66 23.60 15.01
N GLN B 149 11.95 23.35 16.27
CA GLN B 149 12.36 24.43 17.14
C GLN B 149 13.76 24.94 16.76
N LEU B 150 14.65 24.03 16.36
CA LEU B 150 15.98 24.41 15.88
C LEU B 150 15.86 25.33 14.63
N LEU B 151 14.93 24.98 13.74
CA LEU B 151 14.60 25.80 12.60
C LEU B 151 14.01 27.17 12.96
N LEU B 152 12.98 27.21 13.81
CA LEU B 152 12.35 28.47 14.26
C LEU B 152 13.31 29.41 14.97
N SER B 153 14.18 28.85 15.80
CA SER B 153 15.20 29.57 16.52
C SER B 153 16.38 29.99 15.64
N LYS B 154 16.39 29.61 14.36
CA LYS B 154 17.44 29.92 13.41
C LYS B 154 18.79 29.31 13.64
N ARG B 155 18.87 28.24 14.43
N ARG B 155 18.85 28.24 14.44
CA ARG B 155 20.12 27.51 14.56
CA ARG B 155 20.06 27.46 14.58
C ARG B 155 20.37 26.55 13.37
C ARG B 155 20.37 26.62 13.33
N THR B 156 19.32 26.27 12.60
CA THR B 156 19.41 25.56 11.31
C THR B 156 18.58 26.28 10.24
N ASP B 157 18.85 26.08 8.96
N ASP B 157 18.95 26.01 8.98
CA ASP B 157 17.97 26.71 7.97
CA ASP B 157 18.36 26.56 7.78
C ASP B 157 17.01 25.72 7.32
C ASP B 157 17.14 25.72 7.29
N ALA B 158 17.05 24.45 7.70
CA ALA B 158 16.05 23.52 7.12
C ALA B 158 15.95 22.24 7.93
N THR B 159 14.89 21.44 7.67
CA THR B 159 14.82 20.11 8.18
C THR B 159 13.98 19.35 7.12
N MET B 160 14.46 18.16 6.76
CA MET B 160 13.67 17.23 5.94
C MET B 160 12.88 16.40 6.95
N ILE B 161 11.56 16.47 6.83
CA ILE B 161 10.65 15.91 7.83
C ILE B 161 9.36 15.34 7.13
N PRO B 162 8.85 14.19 7.61
CA PRO B 162 7.62 13.64 7.00
C PRO B 162 6.44 14.55 7.26
N ASP B 163 5.42 14.48 6.41
CA ASP B 163 4.25 15.32 6.52
C ASP B 163 3.48 15.08 7.83
N ILE B 164 3.40 13.82 8.24
CA ILE B 164 2.59 13.50 9.45
C ILE B 164 2.95 14.38 10.67
N PRO B 165 4.20 14.33 11.08
CA PRO B 165 4.57 15.13 12.25
C PRO B 165 4.61 16.65 12.03
N PHE B 166 4.89 17.10 10.80
CA PHE B 166 4.90 18.51 10.51
C PHE B 166 3.48 19.13 10.66
N PHE B 167 2.51 18.51 10.05
CA PHE B 167 1.14 18.97 10.14
C PHE B 167 0.60 18.84 11.54
N ASN B 168 1.06 17.85 12.28
CA ASN B 168 0.66 17.71 13.66
C ASN B 168 1.14 18.92 14.47
N PHE B 169 2.38 19.31 14.22
CA PHE B 169 2.94 20.51 14.80
C PHE B 169 2.07 21.76 14.51
N LEU B 170 1.66 21.96 13.26
CA LEU B 170 0.84 23.09 12.91
C LEU B 170 -0.52 23.00 13.61
N GLU B 171 -1.14 21.84 13.58
CA GLU B 171 -2.40 21.63 14.35
C GLU B 171 -2.33 22.07 15.80
N ARG B 172 -1.20 21.83 16.45
CA ARG B 172 -1.03 22.24 17.82
C ARG B 172 -0.65 23.74 17.95
N ARG B 173 -0.24 24.38 16.86
CA ARG B 173 0.16 25.78 16.88
C ARG B 173 -0.54 26.48 15.72
N PRO B 174 -1.87 26.63 15.85
CA PRO B 174 -2.72 26.98 14.74
C PRO B 174 -2.49 28.38 14.13
N HIS B 175 -1.72 29.24 14.80
CA HIS B 175 -1.35 30.54 14.25
C HIS B 175 0.05 30.56 13.59
N ASP B 176 0.77 29.43 13.66
CA ASP B 176 2.17 29.36 13.17
C ASP B 176 2.40 28.98 11.70
N GLY B 177 1.37 28.59 10.98
CA GLY B 177 1.56 28.07 9.62
C GLY B 177 2.42 28.99 8.76
N ASN B 178 2.24 30.29 8.99
CA ASN B 178 2.98 31.31 8.26
C ASN B 178 4.46 31.45 8.63
N LEU B 179 4.94 30.80 9.70
CA LEU B 179 6.38 30.79 10.03
C LEU B 179 7.19 29.85 9.16
N PHE B 180 6.52 28.93 8.46
CA PHE B 180 7.20 27.91 7.68
C PHE B 180 6.76 27.92 6.24
N LYS B 181 7.62 27.42 5.36
CA LYS B 181 7.15 26.99 4.05
C LYS B 181 7.78 25.67 3.65
N ILE B 182 7.04 24.94 2.81
CA ILE B 182 7.52 23.73 2.26
C ILE B 182 8.20 24.11 0.97
N ALA B 183 9.52 23.97 0.92
CA ALA B 183 10.30 24.37 -0.26
C ALA B 183 10.39 23.29 -1.31
N ASP B 184 10.24 22.03 -0.89
CA ASP B 184 10.30 20.92 -1.80
C ASP B 184 9.63 19.73 -1.13
N ARG B 185 9.41 18.68 -1.89
CA ARG B 185 8.86 17.43 -1.35
C ARG B 185 9.25 16.28 -2.25
N MET B 186 9.38 15.08 -1.73
CA MET B 186 9.75 13.95 -2.56
C MET B 186 8.62 13.68 -3.52
N LYS B 187 8.98 13.07 -4.64
CA LYS B 187 8.01 12.92 -5.72
C LYS B 187 7.01 11.84 -5.38
N ASP B 188 7.39 10.87 -4.57
CA ASP B 188 6.48 9.80 -4.16
C ASP B 188 6.25 9.95 -2.67
N ASN B 189 5.13 9.47 -2.19
CA ASN B 189 5.04 9.15 -0.77
C ASN B 189 5.71 7.77 -0.48
N SER B 190 5.79 7.41 0.79
CA SER B 190 6.63 6.35 1.29
C SER B 190 5.80 5.42 2.16
N ALA B 191 5.69 4.16 1.77
CA ALA B 191 5.06 3.13 2.59
C ALA B 191 5.73 2.89 3.99
N VAL B 192 4.89 2.82 5.01
CA VAL B 192 5.30 2.64 6.39
C VAL B 192 4.64 1.35 6.89
N ALA B 193 5.43 0.51 7.54
CA ALA B 193 4.95 -0.82 8.07
C ALA B 193 5.55 -1.15 9.43
N PHE B 194 5.10 -2.27 10.00
CA PHE B 194 5.76 -2.85 11.16
C PHE B 194 6.97 -3.63 10.68
N MET B 195 8.11 -3.44 11.37
CA MET B 195 9.32 -4.21 11.10
C MET B 195 9.72 -5.20 12.20
N MET B 196 10.25 -6.35 11.77
N MET B 196 10.11 -6.38 11.76
CA MET B 196 10.57 -7.52 12.61
CA MET B 196 10.63 -7.36 12.66
C MET B 196 11.94 -8.13 12.26
C MET B 196 11.80 -8.04 12.00
N ARG B 197 12.49 -9.04 13.07
N ARG B 197 12.50 -8.79 12.85
CA ARG B 197 13.74 -9.72 12.65
CA ARG B 197 13.67 -9.56 12.48
C ARG B 197 13.35 -10.69 11.51
C ARG B 197 13.28 -10.56 11.40
N LYS B 198 14.25 -10.90 10.57
CA LYS B 198 14.05 -11.87 9.52
C LYS B 198 13.80 -13.26 10.13
N GLY B 199 12.94 -14.02 9.51
CA GLY B 199 12.66 -15.36 9.96
C GLY B 199 11.33 -15.39 10.64
N ASN B 200 10.77 -14.19 10.95
CA ASN B 200 9.65 -14.05 11.91
C ASN B 200 8.29 -14.19 11.22
N ASN B 201 8.22 -15.21 10.35
CA ASN B 201 7.22 -15.36 9.30
C ASN B 201 5.79 -15.67 9.76
N LYS B 202 5.62 -16.42 10.82
CA LYS B 202 4.32 -16.64 11.40
C LYS B 202 3.71 -15.41 12.12
N LEU B 203 4.52 -14.68 12.87
CA LEU B 203 4.11 -13.40 13.43
C LEU B 203 3.74 -12.40 12.32
N THR B 204 4.56 -12.30 11.28
CA THR B 204 4.28 -11.43 10.15
C THR B 204 2.92 -11.75 9.52
N ARG B 205 2.68 -13.02 9.19
CA ARG B 205 1.43 -13.46 8.62
C ARG B 205 0.26 -13.08 9.52
N SER B 206 0.40 -13.35 10.81
CA SER B 206 -0.65 -13.06 11.75
C SER B 206 -1.01 -11.57 11.77
N ILE B 207 0.02 -10.72 11.84
CA ILE B 207 -0.17 -9.30 11.82
C ILE B 207 -0.90 -8.83 10.56
N ASN B 208 -0.50 -9.41 9.42
CA ASN B 208 -1.10 -9.09 8.14
C ASN B 208 -2.57 -9.46 8.07
N GLU B 209 -2.93 -10.63 8.56
CA GLU B 209 -4.34 -11.08 8.54
C GLU B 209 -5.15 -10.16 9.41
N ILE B 210 -4.56 -9.76 10.54
CA ILE B 210 -5.24 -8.91 11.48
C ILE B 210 -5.42 -7.48 10.89
N LEU B 211 -4.36 -6.96 10.26
CA LEU B 211 -4.48 -5.66 9.60
C LEU B 211 -5.62 -5.61 8.54
N CYS B 212 -5.75 -6.66 7.76
N CYS B 212 -5.73 -6.67 7.77
CA CYS B 212 -6.88 -6.71 6.84
CA CYS B 212 -6.83 -6.81 6.83
C CYS B 212 -8.21 -6.71 7.58
C CYS B 212 -8.18 -6.74 7.56
N ALA B 213 -8.29 -7.44 8.67
CA ALA B 213 -9.54 -7.45 9.45
C ALA B 213 -9.92 -6.03 9.96
N ILE B 214 -8.90 -5.34 10.45
CA ILE B 214 -9.07 -4.02 10.96
C ILE B 214 -9.55 -3.04 9.84
N HIS B 215 -9.00 -3.17 8.63
CA HIS B 215 -9.49 -2.39 7.55
C HIS B 215 -10.98 -2.78 7.31
N LEU B 216 -11.24 -4.08 7.24
CA LEU B 216 -12.58 -4.49 6.80
C LEU B 216 -13.68 -4.11 7.79
N ASP B 217 -13.42 -4.15 9.08
CA ASP B 217 -14.46 -3.81 10.01
C ASP B 217 -14.56 -2.32 10.39
N GLY B 218 -13.80 -1.45 9.72
CA GLY B 218 -13.86 0.00 10.01
C GLY B 218 -12.98 0.50 11.16
N THR B 219 -12.33 -0.42 11.87
CA THR B 219 -11.48 -0.02 13.00
C THR B 219 -10.29 0.83 12.49
N TYR B 220 -9.76 0.49 11.31
CA TYR B 220 -8.62 1.26 10.77
C TYR B 220 -9.01 2.73 10.62
N LYS B 221 -10.14 2.96 9.94
CA LYS B 221 -10.72 4.28 9.81
C LYS B 221 -10.91 4.99 11.13
N LYS B 222 -11.38 4.26 12.13
CA LYS B 222 -11.58 4.84 13.46
C LYS B 222 -10.25 5.36 14.05
N ILE B 223 -9.18 4.57 13.96
CA ILE B 223 -7.89 4.91 14.60
C ILE B 223 -7.28 6.05 13.80
N PHE B 224 -7.40 5.95 12.49
CA PHE B 224 -6.83 6.95 11.58
C PHE B 224 -7.41 8.32 11.84
N ASP B 225 -8.75 8.38 11.81
CA ASP B 225 -9.49 9.63 12.05
C ASP B 225 -9.22 10.20 13.44
N ARG B 226 -8.86 9.34 14.37
CA ARG B 226 -8.52 9.85 15.67
C ARG B 226 -7.33 10.80 15.63
N TYR B 227 -6.40 10.57 14.71
CA TYR B 227 -5.15 11.32 14.78
C TYR B 227 -4.89 12.22 13.57
N PHE B 228 -5.45 11.89 12.42
CA PHE B 228 -5.06 12.45 11.17
C PHE B 228 -6.23 13.07 10.40
N ASP B 229 -5.92 14.12 9.65
CA ASP B 229 -6.85 14.70 8.68
C ASP B 229 -6.65 14.02 7.33
N LYS B 230 -7.68 13.28 6.90
CA LYS B 230 -7.58 12.52 5.65
C LYS B 230 -7.48 13.36 4.37
N ASN B 231 -7.74 14.66 4.45
CA ASN B 231 -7.50 15.53 3.31
C ASN B 231 -6.02 15.86 3.18
N ILE B 232 -5.23 15.55 4.19
CA ILE B 232 -3.78 15.88 4.19
C ILE B 232 -2.89 14.65 4.19
N ILE B 233 -3.26 13.64 4.99
CA ILE B 233 -2.46 12.46 5.16
C ILE B 233 -3.01 11.30 4.34
N SER B 234 -2.13 10.62 3.57
CA SER B 234 -2.55 9.43 2.80
C SER B 234 -2.72 8.18 3.64
N SER B 235 -3.79 7.43 3.38
CA SER B 235 -3.88 6.08 3.92
C SER B 235 -3.42 5.13 2.84
N VAL B 236 -3.44 3.85 3.16
CA VAL B 236 -3.11 2.80 2.20
C VAL B 236 -4.42 2.15 1.74
N PRO B 237 -4.37 1.31 0.72
CA PRO B 237 -5.63 0.65 0.38
C PRO B 237 -6.17 -0.26 1.47
N GLY B 238 -7.50 -0.40 1.43
CA GLY B 238 -8.18 -1.45 2.11
C GLY B 238 -7.89 -2.87 1.63
N CYS B 239 -8.67 -3.80 2.14
N CYS B 239 -8.63 -3.83 2.16
CA CYS B 239 -8.52 -5.21 1.79
CA CYS B 239 -8.52 -5.22 1.73
C CYS B 239 -9.82 -5.68 1.12
C CYS B 239 -9.90 -5.78 1.42
N SER B 240 -9.93 -6.95 0.80
CA SER B 240 -11.19 -7.52 0.31
C SER B 240 -11.51 -8.71 1.16
N SER B 241 -12.70 -9.26 0.95
CA SER B 241 -13.05 -10.59 1.51
C SER B 241 -13.72 -11.44 0.45
#